data_4GJ3
#
_entry.id   4GJ3
#
_cell.length_a   36.229
_cell.length_b   74.203
_cell.length_c   105.891
_cell.angle_alpha   90.00
_cell.angle_beta   90.00
_cell.angle_gamma   90.00
#
_symmetry.space_group_name_H-M   'P 21 21 21'
#
loop_
_entity.id
_entity.type
_entity.pdbx_description
1 polymer 'Non-receptor tyrosine-protein kinase TYK2'
2 non-polymer 2,6-dichloro-4-cyano-N-[2-({[(1R,2R)-2-fluorocyclopropyl]carbonyl}amino)pyridin-4-yl]benzamide
3 water water
#
_entity_poly.entity_id   1
_entity_poly.type   'polypeptide(L)'
_entity_poly.pdbx_seq_one_letter_code
;MGSPASDPTVFHKRYLKKIRDLGEGHFGKVSLYCYDPTNDGTGEMVAVKALKADAGPQHRSGWKQEIDILRTLYHEHIIK
YKGCCEDAGAASLQLVMEYVPLGSLRDYLPRHSIGLAQLLLFAQQICEGMAYLHAQHYIHRNLAARNVLLDNDRLVKIGD
FGLAKAVPEGHEYYRVREDGDSPVFWYAPECLKEYKFYYASDVWSFGVTLYELLTHCDSSQSPPTKFLELIGIAQGQMTV
LRLTELLERGERLPRPDKCPAEVYHLMKNCWETEASFRPTFENLIPILKTVHEKYRHHHHHH
;
_entity_poly.pdbx_strand_id   A
#
# COMPACT_ATOMS: atom_id res chain seq x y z
N THR A 9 14.20 -20.27 2.91
CA THR A 9 13.93 -20.88 1.60
C THR A 9 14.80 -20.24 0.52
N VAL A 10 15.45 -21.08 -0.30
CA VAL A 10 16.34 -20.61 -1.36
C VAL A 10 15.83 -20.93 -2.77
N PHE A 11 15.97 -19.95 -3.69
CA PHE A 11 15.58 -20.07 -5.10
C PHE A 11 16.83 -19.96 -5.96
N HIS A 12 16.90 -20.76 -7.03
CA HIS A 12 18.06 -20.76 -7.93
C HIS A 12 17.79 -19.97 -9.20
N LYS A 13 18.69 -19.01 -9.51
CA LYS A 13 18.63 -18.12 -10.66
C LYS A 13 18.56 -18.87 -12.01
N ARG A 14 19.21 -20.05 -12.08
CA ARG A 14 19.25 -20.90 -13.28
C ARG A 14 17.89 -21.53 -13.64
N TYR A 15 16.97 -21.63 -12.65
CA TYR A 15 15.64 -22.19 -12.85
C TYR A 15 14.53 -21.15 -13.03
N LEU A 16 14.91 -19.85 -13.00
CA LEU A 16 13.98 -18.74 -13.16
C LEU A 16 13.86 -18.35 -14.64
N LYS A 17 12.64 -18.47 -15.18
CA LYS A 17 12.32 -18.15 -16.58
C LYS A 17 11.42 -16.92 -16.60
N LYS A 18 11.98 -15.78 -17.02
CA LYS A 18 11.30 -14.49 -17.09
C LYS A 18 10.18 -14.47 -18.12
N ILE A 19 9.00 -13.98 -17.71
CA ILE A 19 7.82 -13.85 -18.56
C ILE A 19 7.68 -12.40 -19.02
N ARG A 20 7.59 -11.45 -18.06
CA ARG A 20 7.45 -10.01 -18.30
C ARG A 20 7.75 -9.20 -17.02
N ASP A 21 7.93 -7.87 -17.16
CA ASP A 21 8.13 -6.96 -16.04
C ASP A 21 6.74 -6.61 -15.50
N LEU A 22 6.59 -6.56 -14.16
CA LEU A 22 5.29 -6.24 -13.56
C LEU A 22 5.14 -4.76 -13.21
N GLY A 23 6.25 -4.13 -12.84
CA GLY A 23 6.28 -2.72 -12.48
C GLY A 23 7.47 -2.32 -11.64
N GLU A 24 7.39 -1.10 -11.04
CA GLU A 24 8.42 -0.53 -10.19
C GLU A 24 7.91 -0.45 -8.75
N GLY A 25 8.66 -1.07 -7.84
CA GLY A 25 8.33 -1.11 -6.41
C GLY A 25 8.72 0.18 -5.72
N HIS A 26 9.74 0.13 -4.87
CA HIS A 26 10.23 1.29 -4.13
C HIS A 26 11.74 1.43 -4.27
N PHE A 27 12.49 0.34 -4.02
CA PHE A 27 13.95 0.30 -4.12
C PHE A 27 14.40 -0.25 -5.47
N GLY A 28 13.52 -1.01 -6.12
CA GLY A 28 13.80 -1.61 -7.42
C GLY A 28 12.56 -1.97 -8.23
N LYS A 29 12.69 -2.99 -9.08
CA LYS A 29 11.63 -3.45 -9.97
C LYS A 29 11.13 -4.87 -9.68
N VAL A 30 9.85 -5.13 -10.03
CA VAL A 30 9.18 -6.42 -9.86
C VAL A 30 8.98 -7.06 -11.24
N SER A 31 9.30 -8.35 -11.36
CA SER A 31 9.15 -9.08 -12.62
C SER A 31 8.44 -10.41 -12.42
N LEU A 32 7.73 -10.87 -13.48
CA LEU A 32 7.00 -12.13 -13.48
C LEU A 32 7.90 -13.25 -14.00
N TYR A 33 8.17 -14.25 -13.13
CA TYR A 33 9.02 -15.40 -13.44
C TYR A 33 8.27 -16.72 -13.25
N CYS A 34 8.73 -17.76 -13.97
CA CYS A 34 8.24 -19.13 -13.85
C CYS A 34 9.41 -19.92 -13.29
N TYR A 35 9.34 -20.32 -12.02
CA TYR A 35 10.39 -21.12 -11.39
C TYR A 35 10.17 -22.57 -11.82
N ASP A 36 10.89 -22.98 -12.88
CA ASP A 36 10.75 -24.30 -13.50
C ASP A 36 12.03 -25.15 -13.43
N PRO A 37 12.27 -25.88 -12.32
CA PRO A 37 13.50 -26.70 -12.22
C PRO A 37 13.46 -27.99 -13.06
N THR A 38 12.26 -28.55 -13.26
CA THR A 38 12.00 -29.77 -14.04
C THR A 38 12.14 -29.52 -15.55
N ASN A 39 12.05 -28.24 -15.99
CA ASN A 39 12.13 -27.77 -17.37
C ASN A 39 11.00 -28.28 -18.29
N ASP A 40 9.85 -28.67 -17.70
CA ASP A 40 8.68 -29.16 -18.42
C ASP A 40 7.60 -28.09 -18.59
N GLY A 41 7.67 -27.04 -17.76
CA GLY A 41 6.74 -25.90 -17.79
C GLY A 41 5.67 -25.94 -16.71
N THR A 42 5.67 -26.99 -15.88
CA THR A 42 4.70 -27.19 -14.77
C THR A 42 5.07 -26.41 -13.51
N GLY A 43 6.12 -25.59 -13.60
CA GLY A 43 6.64 -24.77 -12.51
C GLY A 43 5.70 -23.66 -12.08
N GLU A 44 5.81 -23.26 -10.82
CA GLU A 44 4.97 -22.22 -10.21
C GLU A 44 5.35 -20.82 -10.67
N MET A 45 4.35 -19.93 -10.79
CA MET A 45 4.53 -18.54 -11.18
C MET A 45 4.89 -17.71 -9.96
N VAL A 46 6.02 -16.99 -10.02
CA VAL A 46 6.53 -16.16 -8.92
C VAL A 46 6.77 -14.70 -9.32
N ALA A 47 6.54 -13.78 -8.38
CA ALA A 47 6.79 -12.35 -8.55
C ALA A 47 8.11 -12.07 -7.82
N VAL A 48 9.15 -11.71 -8.57
CA VAL A 48 10.48 -11.46 -8.03
C VAL A 48 10.84 -9.97 -8.01
N LYS A 49 10.98 -9.41 -6.80
CA LYS A 49 11.34 -8.02 -6.59
C LYS A 49 12.86 -7.96 -6.42
N ALA A 50 13.54 -7.24 -7.33
CA ALA A 50 15.00 -7.11 -7.31
C ALA A 50 15.47 -5.69 -7.04
N LEU A 51 16.58 -5.58 -6.29
CA LEU A 51 17.21 -4.31 -5.95
C LEU A 51 18.08 -3.90 -7.14
N LYS A 52 17.98 -2.62 -7.57
CA LYS A 52 18.75 -2.09 -8.71
C LYS A 52 20.26 -2.14 -8.48
N ALA A 53 21.01 -2.56 -9.51
CA ALA A 53 22.47 -2.72 -9.49
C ALA A 53 23.27 -1.47 -9.11
N ASP A 54 22.73 -0.27 -9.38
CA ASP A 54 23.39 1.01 -9.11
C ASP A 54 23.00 1.70 -7.78
N ALA A 55 22.20 1.02 -6.94
CA ALA A 55 21.74 1.55 -5.65
C ALA A 55 22.87 1.71 -4.63
N GLY A 56 22.81 2.79 -3.85
CA GLY A 56 23.79 3.13 -2.84
C GLY A 56 23.62 2.38 -1.52
N PRO A 57 24.43 2.69 -0.48
CA PRO A 57 24.29 1.97 0.80
C PRO A 57 22.99 2.28 1.56
N GLN A 58 22.41 3.47 1.33
CA GLN A 58 21.16 3.92 1.96
C GLN A 58 19.95 3.09 1.51
N HIS A 59 19.88 2.76 0.20
CA HIS A 59 18.81 1.95 -0.38
C HIS A 59 18.99 0.47 -0.04
N ARG A 60 20.25 -0.01 0.00
CA ARG A 60 20.62 -1.39 0.32
C ARG A 60 20.28 -1.75 1.77
N SER A 61 20.37 -0.77 2.68
CA SER A 61 20.04 -0.91 4.09
C SER A 61 18.52 -1.05 4.26
N GLY A 62 17.77 -0.26 3.49
CA GLY A 62 16.31 -0.26 3.48
C GLY A 62 15.73 -1.49 2.81
N TRP A 63 16.43 -2.01 1.78
CA TRP A 63 16.05 -3.20 1.02
C TRP A 63 16.12 -4.47 1.88
N LYS A 64 17.20 -4.59 2.69
CA LYS A 64 17.40 -5.72 3.61
C LYS A 64 16.32 -5.71 4.68
N GLN A 65 15.94 -4.49 5.14
CA GLN A 65 14.89 -4.24 6.12
C GLN A 65 13.52 -4.69 5.59
N GLU A 66 13.24 -4.41 4.30
CA GLU A 66 12.00 -4.79 3.62
C GLU A 66 11.81 -6.33 3.61
N ILE A 67 12.90 -7.07 3.31
CA ILE A 67 12.91 -8.54 3.28
C ILE A 67 12.66 -9.10 4.70
N ASP A 68 13.32 -8.52 5.73
CA ASP A 68 13.19 -8.92 7.14
C ASP A 68 11.78 -8.76 7.67
N ILE A 69 11.08 -7.69 7.24
CA ILE A 69 9.70 -7.39 7.63
C ILE A 69 8.73 -8.39 6.98
N LEU A 70 8.86 -8.61 5.65
CA LEU A 70 8.04 -9.55 4.87
C LEU A 70 8.13 -10.99 5.39
N ARG A 71 9.35 -11.44 5.75
CA ARG A 71 9.68 -12.77 6.28
C ARG A 71 8.95 -13.06 7.60
N THR A 72 8.84 -12.05 8.48
CA THR A 72 8.18 -12.16 9.79
C THR A 72 6.65 -11.96 9.75
N LEU A 73 6.09 -11.64 8.57
CA LEU A 73 4.65 -11.41 8.39
C LEU A 73 3.95 -12.62 7.79
N TYR A 74 2.86 -13.05 8.43
CA TYR A 74 2.05 -14.18 8.00
C TYR A 74 0.55 -13.90 8.22
N HIS A 75 -0.14 -13.49 7.13
CA HIS A 75 -1.57 -13.16 7.13
C HIS A 75 -2.17 -13.44 5.76
N GLU A 76 -3.48 -13.78 5.71
CA GLU A 76 -4.20 -14.06 4.46
C GLU A 76 -4.43 -12.82 3.58
N HIS A 77 -4.28 -11.62 4.17
CA HIS A 77 -4.47 -10.36 3.46
C HIS A 77 -3.17 -9.55 3.32
N ILE A 78 -2.03 -10.27 3.38
CA ILE A 78 -0.66 -9.76 3.21
C ILE A 78 0.04 -10.71 2.23
N ILE A 79 0.71 -10.14 1.19
CA ILE A 79 1.44 -10.92 0.17
C ILE A 79 2.36 -11.96 0.81
N LYS A 80 2.21 -13.24 0.40
CA LYS A 80 2.99 -14.33 0.94
C LYS A 80 4.45 -14.28 0.50
N TYR A 81 5.35 -14.45 1.47
CA TYR A 81 6.79 -14.53 1.23
C TYR A 81 7.07 -15.98 0.85
N LYS A 82 7.76 -16.21 -0.28
CA LYS A 82 8.07 -17.55 -0.77
C LYS A 82 9.51 -17.94 -0.43
N GLY A 83 10.42 -16.98 -0.57
CA GLY A 83 11.84 -17.16 -0.29
C GLY A 83 12.70 -16.06 -0.89
N CYS A 84 13.99 -16.37 -1.08
CA CYS A 84 14.96 -15.45 -1.67
C CYS A 84 15.83 -16.14 -2.70
N CYS A 85 16.32 -15.37 -3.68
CA CYS A 85 17.16 -15.90 -4.75
C CYS A 85 18.56 -15.30 -4.69
N GLU A 86 19.58 -16.13 -5.00
CA GLU A 86 20.98 -15.70 -5.01
C GLU A 86 21.24 -14.89 -6.27
N ASP A 87 21.34 -13.56 -6.12
CA ASP A 87 21.60 -12.64 -7.22
C ASP A 87 23.09 -12.30 -7.23
N ALA A 88 23.86 -12.99 -8.10
CA ALA A 88 25.31 -12.83 -8.27
C ALA A 88 25.64 -11.40 -8.73
N GLY A 89 24.80 -10.85 -9.61
CA GLY A 89 24.89 -9.46 -10.06
C GLY A 89 24.28 -8.60 -8.98
N ALA A 90 24.76 -7.34 -8.84
CA ALA A 90 24.30 -6.37 -7.82
C ALA A 90 24.64 -6.76 -6.35
N ALA A 91 25.02 -8.04 -6.11
CA ALA A 91 25.38 -8.64 -4.82
C ALA A 91 24.36 -8.45 -3.68
N SER A 92 23.07 -8.39 -4.05
CA SER A 92 21.94 -8.23 -3.13
C SER A 92 21.03 -9.47 -3.20
N LEU A 93 19.98 -9.52 -2.36
CA LEU A 93 19.03 -10.64 -2.36
C LEU A 93 17.78 -10.27 -3.13
N GLN A 94 17.34 -11.16 -4.03
CA GLN A 94 16.12 -10.96 -4.80
C GLN A 94 14.95 -11.49 -3.98
N LEU A 95 13.98 -10.62 -3.66
CA LEU A 95 12.80 -10.97 -2.87
C LEU A 95 11.80 -11.75 -3.73
N VAL A 96 11.62 -13.04 -3.41
CA VAL A 96 10.69 -13.92 -4.12
C VAL A 96 9.40 -14.01 -3.31
N MET A 97 8.31 -13.54 -3.90
CA MET A 97 6.97 -13.51 -3.30
C MET A 97 5.97 -14.22 -4.20
N GLU A 98 4.75 -14.46 -3.69
CA GLU A 98 3.70 -15.12 -4.45
C GLU A 98 3.17 -14.21 -5.57
N TYR A 99 2.78 -14.83 -6.68
CA TYR A 99 2.20 -14.10 -7.80
C TYR A 99 0.72 -13.99 -7.52
N VAL A 100 0.25 -12.75 -7.37
CA VAL A 100 -1.17 -12.45 -7.12
C VAL A 100 -1.80 -12.29 -8.52
N PRO A 101 -2.63 -13.26 -8.98
CA PRO A 101 -3.09 -13.25 -10.39
C PRO A 101 -3.81 -12.05 -10.99
N LEU A 102 -4.69 -11.37 -10.26
CA LEU A 102 -5.43 -10.25 -10.84
C LEU A 102 -4.73 -8.88 -10.79
N GLY A 103 -3.64 -8.80 -10.03
CA GLY A 103 -2.82 -7.60 -9.91
C GLY A 103 -3.35 -6.53 -8.99
N SER A 104 -2.79 -5.32 -9.11
CA SER A 104 -3.16 -4.17 -8.29
C SER A 104 -4.57 -3.69 -8.58
N LEU A 105 -5.21 -3.06 -7.57
CA LEU A 105 -6.56 -2.52 -7.73
C LEU A 105 -6.53 -1.25 -8.59
N ARG A 106 -5.38 -0.55 -8.63
CA ARG A 106 -5.21 0.65 -9.46
C ARG A 106 -5.25 0.32 -10.96
N ASP A 107 -4.84 -0.91 -11.33
CA ASP A 107 -4.84 -1.39 -12.71
C ASP A 107 -6.12 -2.15 -13.06
N TYR A 108 -6.60 -3.01 -12.13
CA TYR A 108 -7.80 -3.85 -12.29
C TYR A 108 -9.12 -3.06 -12.30
N LEU A 109 -9.36 -2.22 -11.27
CA LEU A 109 -10.59 -1.42 -11.12
C LEU A 109 -11.04 -0.53 -12.30
N PRO A 110 -10.16 0.25 -13.00
CA PRO A 110 -10.65 1.08 -14.11
C PRO A 110 -11.14 0.29 -15.32
N ARG A 111 -10.83 -1.02 -15.39
CA ARG A 111 -11.21 -1.93 -16.47
C ARG A 111 -12.36 -2.89 -16.10
N HIS A 112 -12.50 -3.20 -14.79
CA HIS A 112 -13.54 -4.12 -14.31
C HIS A 112 -14.51 -3.42 -13.36
N SER A 113 -15.79 -3.25 -13.79
CA SER A 113 -16.84 -2.60 -13.02
C SER A 113 -17.26 -3.51 -11.86
N ILE A 114 -16.68 -3.24 -10.69
CA ILE A 114 -16.89 -4.00 -9.46
C ILE A 114 -17.98 -3.34 -8.60
N GLY A 115 -18.87 -4.16 -8.04
CA GLY A 115 -19.96 -3.72 -7.18
C GLY A 115 -19.52 -3.10 -5.88
N LEU A 116 -20.40 -2.28 -5.29
CA LEU A 116 -20.18 -1.55 -4.03
C LEU A 116 -19.87 -2.49 -2.86
N ALA A 117 -20.63 -3.60 -2.73
CA ALA A 117 -20.46 -4.62 -1.68
C ALA A 117 -19.08 -5.27 -1.72
N GLN A 118 -18.56 -5.56 -2.93
CA GLN A 118 -17.25 -6.15 -3.17
C GLN A 118 -16.13 -5.17 -2.82
N LEU A 119 -16.34 -3.86 -3.10
CA LEU A 119 -15.40 -2.79 -2.78
C LEU A 119 -15.28 -2.63 -1.27
N LEU A 120 -16.41 -2.77 -0.55
CA LEU A 120 -16.49 -2.68 0.90
C LEU A 120 -15.86 -3.90 1.57
N LEU A 121 -15.90 -5.06 0.87
CA LEU A 121 -15.29 -6.31 1.35
C LEU A 121 -13.76 -6.17 1.29
N PHE A 122 -13.23 -5.57 0.20
CA PHE A 122 -11.80 -5.33 0.02
C PHE A 122 -11.28 -4.41 1.12
N ALA A 123 -12.00 -3.32 1.41
CA ALA A 123 -11.69 -2.36 2.47
C ALA A 123 -11.63 -3.04 3.84
N GLN A 124 -12.54 -4.01 4.09
CA GLN A 124 -12.60 -4.81 5.32
C GLN A 124 -11.35 -5.69 5.41
N GLN A 125 -10.95 -6.32 4.27
CA GLN A 125 -9.77 -7.18 4.16
C GLN A 125 -8.47 -6.38 4.34
N ILE A 126 -8.42 -5.12 3.84
CA ILE A 126 -7.28 -4.22 3.99
C ILE A 126 -7.11 -3.95 5.50
N CYS A 127 -8.23 -3.64 6.20
CA CYS A 127 -8.27 -3.39 7.64
C CYS A 127 -7.85 -4.61 8.45
N GLU A 128 -8.20 -5.82 7.99
CA GLU A 128 -7.84 -7.09 8.65
C GLU A 128 -6.34 -7.31 8.63
N GLY A 129 -5.72 -7.08 7.46
CA GLY A 129 -4.27 -7.21 7.26
C GLY A 129 -3.48 -6.12 7.98
N MET A 130 -4.03 -4.90 8.01
CA MET A 130 -3.43 -3.72 8.65
C MET A 130 -3.46 -3.79 10.18
N ALA A 131 -4.54 -4.34 10.78
CA ALA A 131 -4.66 -4.50 12.24
C ALA A 131 -3.64 -5.51 12.73
N TYR A 132 -3.39 -6.58 11.94
CA TYR A 132 -2.40 -7.61 12.22
C TYR A 132 -1.00 -6.98 12.18
N LEU A 133 -0.73 -6.16 11.13
CA LEU A 133 0.54 -5.45 10.91
C LEU A 133 0.85 -4.54 12.11
N HIS A 134 -0.17 -3.83 12.62
CA HIS A 134 -0.08 -2.95 13.78
C HIS A 134 0.09 -3.72 15.09
N ALA A 135 -0.51 -4.94 15.18
CA ALA A 135 -0.39 -5.84 16.34
C ALA A 135 1.04 -6.40 16.41
N GLN A 136 1.72 -6.48 15.25
CA GLN A 136 3.10 -6.93 15.10
C GLN A 136 4.08 -5.76 15.27
N HIS A 137 3.54 -4.57 15.61
CA HIS A 137 4.26 -3.30 15.84
C HIS A 137 4.99 -2.76 14.62
N TYR A 138 4.34 -2.81 13.46
CA TYR A 138 4.87 -2.29 12.21
C TYR A 138 3.91 -1.27 11.62
N ILE A 139 4.44 -0.29 10.87
CA ILE A 139 3.67 0.70 10.13
C ILE A 139 3.96 0.49 8.65
N HIS A 140 2.96 0.65 7.79
CA HIS A 140 3.11 0.44 6.36
C HIS A 140 3.75 1.63 5.65
N ARG A 141 3.29 2.86 5.94
CA ARG A 141 3.76 4.13 5.37
C ARG A 141 3.51 4.32 3.85
N ASN A 142 2.87 3.34 3.18
CA ASN A 142 2.60 3.42 1.75
C ASN A 142 1.28 2.72 1.39
N LEU A 143 0.24 2.94 2.21
CA LEU A 143 -1.07 2.33 1.97
C LEU A 143 -1.83 3.08 0.87
N ALA A 144 -1.87 2.46 -0.31
CA ALA A 144 -2.52 2.97 -1.52
C ALA A 144 -3.03 1.81 -2.38
N ALA A 145 -4.02 2.09 -3.26
CA ALA A 145 -4.64 1.12 -4.17
C ALA A 145 -3.66 0.42 -5.12
N ARG A 146 -2.55 1.09 -5.49
CA ARG A 146 -1.50 0.54 -6.35
C ARG A 146 -0.66 -0.52 -5.62
N ASN A 147 -0.71 -0.52 -4.28
CA ASN A 147 -0.01 -1.46 -3.41
C ASN A 147 -0.92 -2.58 -2.91
N VAL A 148 -2.24 -2.47 -3.13
CA VAL A 148 -3.22 -3.49 -2.73
C VAL A 148 -3.49 -4.38 -3.95
N LEU A 149 -3.14 -5.66 -3.83
CA LEU A 149 -3.26 -6.66 -4.90
C LEU A 149 -4.49 -7.57 -4.73
N LEU A 150 -5.04 -8.02 -5.87
CA LEU A 150 -6.24 -8.86 -5.94
C LEU A 150 -5.92 -10.28 -6.41
N ASP A 151 -6.29 -11.29 -5.61
CA ASP A 151 -6.07 -12.72 -5.92
C ASP A 151 -7.26 -13.28 -6.72
N ASN A 152 -8.47 -12.97 -6.25
CA ASN A 152 -9.75 -13.34 -6.87
C ASN A 152 -10.77 -12.25 -6.53
N ASP A 153 -11.95 -12.26 -7.20
CA ASP A 153 -13.02 -11.27 -7.00
C ASP A 153 -13.49 -11.09 -5.54
N ARG A 154 -13.06 -11.98 -4.63
CA ARG A 154 -13.42 -11.95 -3.20
C ARG A 154 -12.22 -11.90 -2.24
N LEU A 155 -10.97 -11.95 -2.76
CA LEU A 155 -9.74 -11.93 -1.93
C LEU A 155 -8.76 -10.82 -2.32
N VAL A 156 -8.32 -10.03 -1.31
CA VAL A 156 -7.37 -8.92 -1.47
C VAL A 156 -6.14 -9.10 -0.54
N LYS A 157 -4.96 -8.66 -1.01
CA LYS A 157 -3.69 -8.75 -0.27
C LYS A 157 -2.84 -7.48 -0.42
N ILE A 158 -2.18 -7.04 0.68
CA ILE A 158 -1.30 -5.87 0.71
C ILE A 158 0.07 -6.31 0.17
N GLY A 159 0.57 -5.62 -0.86
CA GLY A 159 1.80 -5.97 -1.57
C GLY A 159 3.14 -5.36 -1.21
N ASP A 160 3.31 -4.05 -1.44
CA ASP A 160 4.61 -3.37 -1.25
C ASP A 160 4.89 -2.86 0.16
N PHE A 161 5.95 -3.40 0.79
CA PHE A 161 6.38 -3.02 2.13
C PHE A 161 7.76 -2.31 2.13
N GLY A 162 8.07 -1.64 1.03
CA GLY A 162 9.32 -0.90 0.83
C GLY A 162 9.51 0.29 1.76
N LEU A 163 8.40 0.84 2.25
CA LEU A 163 8.41 1.99 3.16
C LEU A 163 7.99 1.58 4.58
N ALA A 164 7.72 0.28 4.79
CA ALA A 164 7.31 -0.25 6.09
C ALA A 164 8.42 -0.16 7.15
N LYS A 165 8.05 0.25 8.37
CA LYS A 165 8.98 0.42 9.47
C LYS A 165 8.47 -0.16 10.78
N ALA A 166 9.41 -0.56 11.65
CA ALA A 166 9.11 -1.12 12.97
C ALA A 166 9.05 0.00 14.00
N VAL A 167 7.92 0.10 14.71
CA VAL A 167 7.71 1.09 15.76
C VAL A 167 8.17 0.45 17.08
N PRO A 168 9.13 1.05 17.83
CA PRO A 168 9.55 0.44 19.10
C PRO A 168 8.40 0.37 20.11
N GLU A 169 8.37 -0.72 20.90
CA GLU A 169 7.35 -1.02 21.92
C GLU A 169 6.94 0.15 22.82
N GLY A 170 7.90 0.96 23.24
CA GLY A 170 7.68 2.14 24.08
C GLY A 170 7.02 3.29 23.34
N HIS A 171 7.54 3.61 22.13
CA HIS A 171 7.07 4.70 21.27
C HIS A 171 5.73 4.37 20.60
N GLU A 172 4.99 5.43 20.19
CA GLU A 172 3.70 5.32 19.49
C GLU A 172 3.80 5.85 18.03
N TYR A 173 4.97 6.42 17.67
CA TYR A 173 5.27 6.99 16.36
C TYR A 173 6.70 6.68 15.88
N TYR A 174 6.99 7.05 14.62
CA TYR A 174 8.30 6.93 13.99
C TYR A 174 8.60 8.23 13.23
N ARG A 175 9.78 8.84 13.50
CA ARG A 175 10.20 10.08 12.85
C ARG A 175 10.72 9.79 11.44
N VAL A 176 10.08 10.41 10.43
CA VAL A 176 10.41 10.25 9.02
C VAL A 176 11.31 11.37 8.47
N ARG A 177 11.96 11.13 7.32
CA ARG A 177 12.86 12.09 6.67
C ARG A 177 12.18 12.85 5.51
N GLU A 178 12.80 13.97 5.07
CA GLU A 178 12.32 14.79 3.95
C GLU A 178 12.68 14.08 2.64
N ASP A 179 11.72 13.35 2.06
CA ASP A 179 11.94 12.58 0.83
C ASP A 179 10.98 12.99 -0.29
N GLY A 180 11.49 12.94 -1.51
CA GLY A 180 10.74 13.28 -2.73
C GLY A 180 9.78 12.20 -3.19
N ASP A 181 10.11 10.93 -2.89
CA ASP A 181 9.30 9.76 -3.26
C ASP A 181 8.19 9.41 -2.27
N SER A 182 8.00 10.23 -1.21
CA SER A 182 6.97 10.02 -0.19
C SER A 182 5.55 10.18 -0.76
N PRO A 183 4.62 9.23 -0.52
CA PRO A 183 3.25 9.38 -1.04
C PRO A 183 2.44 10.40 -0.24
N VAL A 184 2.85 11.69 -0.34
CA VAL A 184 2.29 12.87 0.34
C VAL A 184 0.77 13.03 0.23
N PHE A 185 0.20 12.70 -0.95
CA PHE A 185 -1.24 12.77 -1.21
C PHE A 185 -2.06 11.69 -0.48
N TRP A 186 -1.37 10.73 0.18
CA TRP A 186 -1.93 9.64 0.97
C TRP A 186 -1.56 9.82 2.46
N TYR A 187 -0.84 10.91 2.77
CA TYR A 187 -0.35 11.21 4.11
C TYR A 187 -1.19 12.15 4.96
N ALA A 188 -1.20 11.87 6.28
CA ALA A 188 -1.88 12.64 7.32
C ALA A 188 -1.12 13.95 7.59
N PRO A 189 -1.75 15.02 8.14
CA PRO A 189 -1.02 16.29 8.37
C PRO A 189 0.21 16.20 9.29
N GLU A 190 0.21 15.28 10.28
CA GLU A 190 1.33 15.10 11.20
C GLU A 190 2.58 14.52 10.53
N CYS A 191 2.41 13.87 9.36
CA CYS A 191 3.48 13.28 8.55
C CYS A 191 4.13 14.36 7.71
N LEU A 192 3.33 15.29 7.19
CA LEU A 192 3.78 16.39 6.32
C LEU A 192 4.43 17.52 7.12
N LYS A 193 3.86 17.88 8.29
CA LYS A 193 4.28 18.99 9.13
C LYS A 193 5.36 18.65 10.17
N GLU A 194 5.09 17.68 11.06
CA GLU A 194 6.00 17.29 12.14
C GLU A 194 6.88 16.07 11.81
N TYR A 195 6.65 15.44 10.64
CA TYR A 195 7.37 14.25 10.15
C TYR A 195 7.26 13.04 11.10
N LYS A 196 6.09 12.90 11.76
CA LYS A 196 5.81 11.81 12.69
C LYS A 196 4.81 10.84 12.06
N PHE A 197 5.13 9.53 12.08
CA PHE A 197 4.24 8.50 11.54
C PHE A 197 3.71 7.58 12.64
N TYR A 198 2.44 7.81 13.03
CA TYR A 198 1.74 7.04 14.07
C TYR A 198 1.01 5.86 13.41
N TYR A 199 0.34 5.01 14.22
CA TYR A 199 -0.49 3.92 13.70
C TYR A 199 -1.73 4.55 13.06
N ALA A 200 -2.19 5.70 13.60
CA ALA A 200 -3.31 6.50 13.12
C ALA A 200 -3.03 7.14 11.77
N SER A 201 -1.74 7.29 11.40
CA SER A 201 -1.32 7.83 10.11
C SER A 201 -1.65 6.86 8.97
N ASP A 202 -1.54 5.54 9.24
CA ASP A 202 -1.88 4.48 8.28
C ASP A 202 -3.39 4.43 8.02
N VAL A 203 -4.21 4.79 9.04
CA VAL A 203 -5.67 4.86 8.98
C VAL A 203 -6.08 5.98 8.03
N TRP A 204 -5.34 7.12 8.04
CA TRP A 204 -5.57 8.23 7.12
C TRP A 204 -5.39 7.71 5.70
N SER A 205 -4.27 7.00 5.44
CA SER A 205 -3.93 6.40 4.14
C SER A 205 -4.99 5.41 3.67
N PHE A 206 -5.65 4.68 4.63
CA PHE A 206 -6.74 3.76 4.33
C PHE A 206 -7.94 4.53 3.75
N GLY A 207 -8.28 5.66 4.37
CA GLY A 207 -9.36 6.53 3.93
C GLY A 207 -9.17 6.97 2.49
N VAL A 208 -7.92 7.36 2.15
CA VAL A 208 -7.50 7.77 0.81
C VAL A 208 -7.61 6.56 -0.14
N THR A 209 -7.23 5.35 0.33
CA THR A 209 -7.31 4.10 -0.42
C THR A 209 -8.78 3.72 -0.67
N LEU A 210 -9.65 3.90 0.35
CA LEU A 210 -11.09 3.64 0.26
C LEU A 210 -11.73 4.58 -0.75
N TYR A 211 -11.25 5.86 -0.79
CA TYR A 211 -11.66 6.88 -1.75
C TYR A 211 -11.35 6.43 -3.18
N GLU A 212 -10.15 5.82 -3.38
CA GLU A 212 -9.67 5.32 -4.67
C GLU A 212 -10.53 4.16 -5.16
N LEU A 213 -10.99 3.27 -4.25
CA LEU A 213 -11.83 2.11 -4.57
C LEU A 213 -13.19 2.55 -5.07
N LEU A 214 -13.79 3.53 -4.37
CA LEU A 214 -15.11 4.08 -4.70
C LEU A 214 -15.14 4.86 -6.02
N THR A 215 -13.97 5.41 -6.44
CA THR A 215 -13.83 6.11 -7.73
C THR A 215 -13.43 5.11 -8.83
N HIS A 216 -13.22 3.82 -8.46
CA HIS A 216 -12.78 2.70 -9.32
C HIS A 216 -11.38 2.98 -9.89
N CYS A 217 -10.56 3.67 -9.10
CA CYS A 217 -9.20 4.11 -9.41
C CYS A 217 -9.09 4.94 -10.70
N ASP A 218 -10.09 5.84 -10.89
CA ASP A 218 -10.12 6.75 -12.04
C ASP A 218 -9.05 7.80 -11.81
N SER A 219 -8.04 7.82 -12.71
CA SER A 219 -6.87 8.71 -12.65
C SER A 219 -7.22 10.21 -12.62
N SER A 220 -8.36 10.60 -13.26
CA SER A 220 -8.85 11.97 -13.28
C SER A 220 -9.52 12.35 -11.94
N GLN A 221 -9.77 11.34 -11.09
CA GLN A 221 -10.39 11.47 -9.76
C GLN A 221 -9.39 11.14 -8.65
N SER A 222 -8.18 10.71 -9.02
CA SER A 222 -7.10 10.31 -8.10
C SER A 222 -6.66 11.43 -7.14
N PRO A 223 -6.15 11.09 -5.91
CA PRO A 223 -5.70 12.14 -4.97
C PRO A 223 -4.68 13.15 -5.52
N PRO A 224 -3.59 12.81 -6.28
CA PRO A 224 -2.71 13.87 -6.81
C PRO A 224 -3.43 14.85 -7.74
N THR A 225 -4.41 14.36 -8.52
CA THR A 225 -5.20 15.18 -9.45
C THR A 225 -6.09 16.18 -8.70
N LYS A 226 -6.90 15.68 -7.74
CA LYS A 226 -7.82 16.50 -6.96
C LYS A 226 -7.14 17.51 -6.04
N PHE A 227 -6.04 17.10 -5.38
CA PHE A 227 -5.27 17.99 -4.51
C PHE A 227 -4.51 19.10 -5.25
N LEU A 228 -3.92 18.78 -6.43
CA LEU A 228 -3.22 19.79 -7.25
C LEU A 228 -4.16 20.80 -7.89
N GLU A 229 -5.45 20.45 -8.03
CA GLU A 229 -6.51 21.34 -8.53
C GLU A 229 -6.78 22.41 -7.48
N LEU A 230 -6.61 22.03 -6.19
CA LEU A 230 -6.80 22.93 -5.05
C LEU A 230 -5.53 23.71 -4.71
N ILE A 231 -4.35 23.08 -4.86
CA ILE A 231 -3.05 23.70 -4.57
C ILE A 231 -2.62 24.66 -5.69
N GLY A 232 -2.53 24.13 -6.90
CA GLY A 232 -2.05 24.84 -8.08
C GLY A 232 -0.71 24.24 -8.48
N ILE A 233 -0.42 24.19 -9.78
CA ILE A 233 0.81 23.59 -10.31
C ILE A 233 2.06 24.49 -10.34
N ALA A 234 1.90 25.77 -9.97
CA ALA A 234 3.00 26.74 -9.95
C ALA A 234 3.15 27.38 -8.56
N GLN A 235 3.54 26.55 -7.57
CA GLN A 235 3.70 26.98 -6.17
C GLN A 235 5.13 26.78 -5.61
N GLY A 236 6.12 26.68 -6.51
CA GLY A 236 7.52 26.48 -6.16
C GLY A 236 7.76 25.23 -5.33
N GLN A 237 8.38 25.42 -4.15
CA GLN A 237 8.67 24.34 -3.21
C GLN A 237 7.56 24.17 -2.15
N MET A 238 6.45 24.94 -2.28
CA MET A 238 5.34 24.97 -1.33
C MET A 238 4.12 24.08 -1.60
N THR A 239 4.27 23.03 -2.44
CA THR A 239 3.19 22.09 -2.73
C THR A 239 2.70 21.38 -1.44
N VAL A 240 3.63 20.78 -0.69
CA VAL A 240 3.39 20.07 0.57
C VAL A 240 2.86 21.04 1.66
N LEU A 241 3.44 22.26 1.75
CA LEU A 241 3.01 23.30 2.69
C LEU A 241 1.57 23.72 2.41
N ARG A 242 1.20 23.90 1.12
CA ARG A 242 -0.15 24.25 0.69
C ARG A 242 -1.11 23.09 0.96
N LEU A 243 -0.64 21.83 0.80
CA LEU A 243 -1.40 20.61 1.07
C LEU A 243 -1.72 20.54 2.56
N THR A 244 -0.74 20.87 3.42
CA THR A 244 -0.87 20.90 4.89
C THR A 244 -1.92 21.95 5.29
N GLU A 245 -1.88 23.14 4.66
CA GLU A 245 -2.77 24.27 4.92
C GLU A 245 -4.24 23.98 4.65
N LEU A 246 -4.57 23.37 3.49
CA LEU A 246 -5.94 23.02 3.14
C LEU A 246 -6.52 21.93 4.05
N LEU A 247 -5.67 20.97 4.49
CA LEU A 247 -6.08 19.91 5.40
C LEU A 247 -6.37 20.47 6.80
N GLU A 248 -5.60 21.50 7.22
CA GLU A 248 -5.78 22.21 8.50
C GLU A 248 -7.07 23.03 8.47
N ARG A 249 -7.45 23.54 7.28
CA ARG A 249 -8.68 24.32 7.04
C ARG A 249 -9.94 23.44 6.98
N GLY A 250 -9.76 22.12 7.01
CA GLY A 250 -10.83 21.13 6.99
C GLY A 250 -11.22 20.62 5.61
N GLU A 251 -10.49 21.06 4.55
CA GLU A 251 -10.75 20.64 3.17
C GLU A 251 -10.33 19.19 2.95
N ARG A 252 -11.22 18.41 2.33
CA ARG A 252 -10.99 16.99 2.07
C ARG A 252 -11.33 16.62 0.63
N LEU A 253 -10.94 15.39 0.21
CA LEU A 253 -11.24 14.84 -1.13
C LEU A 253 -12.76 14.72 -1.25
N PRO A 254 -13.37 15.10 -2.41
CA PRO A 254 -14.83 15.06 -2.50
C PRO A 254 -15.48 13.68 -2.41
N ARG A 255 -16.80 13.66 -2.16
CA ARG A 255 -17.58 12.42 -2.07
C ARG A 255 -17.62 11.78 -3.46
N PRO A 256 -17.21 10.50 -3.61
CA PRO A 256 -17.22 9.89 -4.95
C PRO A 256 -18.65 9.62 -5.43
N ASP A 257 -18.82 9.50 -6.76
CA ASP A 257 -20.13 9.23 -7.38
C ASP A 257 -20.62 7.85 -6.96
N LYS A 258 -21.93 7.74 -6.63
CA LYS A 258 -22.61 6.51 -6.18
C LYS A 258 -22.03 5.88 -4.88
N CYS A 259 -21.33 6.70 -4.07
CA CYS A 259 -20.77 6.32 -2.78
C CYS A 259 -21.80 6.67 -1.69
N PRO A 260 -22.17 5.74 -0.78
CA PRO A 260 -23.16 6.08 0.27
C PRO A 260 -22.64 7.14 1.23
N ALA A 261 -23.53 8.03 1.73
CA ALA A 261 -23.20 9.14 2.62
C ALA A 261 -22.50 8.70 3.91
N GLU A 262 -22.98 7.64 4.57
CA GLU A 262 -22.41 7.10 5.80
C GLU A 262 -20.99 6.56 5.59
N VAL A 263 -20.74 5.98 4.39
CA VAL A 263 -19.43 5.46 3.97
C VAL A 263 -18.46 6.64 3.78
N TYR A 264 -18.96 7.77 3.25
CA TYR A 264 -18.17 8.99 3.09
C TYR A 264 -17.84 9.62 4.46
N HIS A 265 -18.77 9.51 5.42
CA HIS A 265 -18.59 10.00 6.79
C HIS A 265 -17.54 9.15 7.54
N LEU A 266 -17.45 7.85 7.19
CA LEU A 266 -16.46 6.91 7.73
C LEU A 266 -15.08 7.30 7.17
N MET A 267 -15.04 7.68 5.87
CA MET A 267 -13.86 8.14 5.15
C MET A 267 -13.34 9.43 5.80
N LYS A 268 -14.27 10.36 6.14
CA LYS A 268 -13.98 11.64 6.80
C LYS A 268 -13.49 11.43 8.23
N ASN A 269 -13.95 10.32 8.89
CA ASN A 269 -13.55 9.93 10.25
C ASN A 269 -12.12 9.40 10.24
N CYS A 270 -11.71 8.72 9.15
CA CYS A 270 -10.35 8.25 8.90
C CYS A 270 -9.47 9.48 8.59
N TRP A 271 -10.10 10.57 8.09
CA TRP A 271 -9.40 11.81 7.74
C TRP A 271 -9.52 12.91 8.80
N GLU A 272 -9.66 12.55 10.09
CA GLU A 272 -9.73 13.54 11.17
C GLU A 272 -8.35 14.19 11.34
N THR A 273 -8.30 15.53 11.53
CA THR A 273 -7.04 16.26 11.72
C THR A 273 -6.29 15.71 12.94
N GLU A 274 -6.97 15.62 14.10
CA GLU A 274 -6.43 15.07 15.34
C GLU A 274 -6.42 13.54 15.23
N ALA A 275 -5.22 12.94 15.23
CA ALA A 275 -4.97 11.50 15.10
C ALA A 275 -5.73 10.61 16.10
N SER A 276 -5.95 11.09 17.34
CA SER A 276 -6.66 10.36 18.40
C SER A 276 -8.15 10.16 18.09
N PHE A 277 -8.76 11.10 17.34
CA PHE A 277 -10.17 11.07 16.95
C PHE A 277 -10.43 10.07 15.80
N ARG A 278 -9.36 9.50 15.24
CA ARG A 278 -9.42 8.54 14.14
C ARG A 278 -9.62 7.12 14.67
N PRO A 279 -10.41 6.26 13.97
CA PRO A 279 -10.59 4.88 14.46
C PRO A 279 -9.37 4.02 14.18
N THR A 280 -9.12 3.00 15.01
CA THR A 280 -8.00 2.09 14.79
C THR A 280 -8.43 1.07 13.73
N PHE A 281 -7.50 0.29 13.16
CA PHE A 281 -7.86 -0.73 12.18
C PHE A 281 -8.74 -1.82 12.81
N GLU A 282 -8.54 -2.10 14.11
CA GLU A 282 -9.34 -3.04 14.89
C GLU A 282 -10.78 -2.54 15.08
N ASN A 283 -10.99 -1.20 15.13
CA ASN A 283 -12.30 -0.57 15.26
C ASN A 283 -13.08 -0.66 13.95
N LEU A 284 -12.37 -0.57 12.80
CA LEU A 284 -12.94 -0.61 11.45
C LEU A 284 -13.42 -1.99 10.98
N ILE A 285 -12.83 -3.09 11.50
CA ILE A 285 -13.22 -4.46 11.12
C ILE A 285 -14.71 -4.79 11.43
N PRO A 286 -15.25 -4.62 12.68
CA PRO A 286 -16.67 -4.93 12.88
C PRO A 286 -17.60 -3.99 12.13
N ILE A 287 -17.16 -2.72 11.96
CA ILE A 287 -17.90 -1.69 11.23
C ILE A 287 -18.03 -2.05 9.75
N LEU A 288 -16.89 -2.30 9.07
CA LEU A 288 -16.90 -2.65 7.65
C LEU A 288 -17.58 -3.98 7.31
N LYS A 289 -17.64 -4.91 8.29
CA LYS A 289 -18.33 -6.21 8.16
C LYS A 289 -19.84 -5.95 8.05
N THR A 290 -20.34 -5.05 8.92
CA THR A 290 -21.74 -4.62 9.02
C THR A 290 -22.16 -3.80 7.79
N VAL A 291 -21.30 -2.86 7.35
CA VAL A 291 -21.51 -2.00 6.18
C VAL A 291 -21.59 -2.89 4.92
N HIS A 292 -20.67 -3.87 4.77
CA HIS A 292 -20.66 -4.81 3.64
C HIS A 292 -21.93 -5.67 3.63
N GLU A 293 -22.38 -6.10 4.83
CA GLU A 293 -23.57 -6.92 5.03
C GLU A 293 -24.83 -6.19 4.53
N LYS A 294 -24.91 -4.86 4.78
CA LYS A 294 -26.03 -4.02 4.36
C LYS A 294 -26.12 -3.91 2.82
N TYR A 295 -24.97 -3.74 2.14
CA TYR A 295 -24.90 -3.59 0.69
C TYR A 295 -24.78 -4.86 -0.16
N ARG A 296 -24.64 -6.05 0.47
CA ARG A 296 -24.54 -7.33 -0.26
C ARG A 296 -25.91 -7.92 -0.62
#